data_6ARQ
#
_entry.id   6ARQ
#
_cell.length_a   33.138
_cell.length_b   70.819
_cell.length_c   224.928
_cell.angle_alpha   90.00
_cell.angle_beta   90.00
_cell.angle_gamma   90.00
#
_symmetry.space_group_name_H-M   'P 21 21 21'
#
loop_
_entity.id
_entity.type
_entity.pdbx_description
1 polymer 'T-cell surface protein tactile'
2 polymer 'Poliovirus receptor'
3 branched alpha-L-fucopyranose-(1-6)-2-acetamido-2-deoxy-beta-D-glucopyranose
4 non-polymer 2-acetamido-2-deoxy-beta-D-glucopyranose
5 water water
#
loop_
_entity_poly.entity_id
_entity_poly.type
_entity_poly.pdbx_seq_one_letter_code
_entity_poly.pdbx_strand_id
1 'polypeptide(L)'
;TGVWEKTVNTEENVYATLGSDVNLTCQTQTVGFFVQMQWSKVTNKIDLIAVYHPQYGFYCAYGRPCESLVTFTETPENGS
KWTLHLRNMSSSVSGRYECMLVLYPEGIQTKIYNLLIQTHGTHHHHHH
;
A
2 'polypeptide(L)'
;LEDVVVQAPTQVPGFLGDSVTLPCYLQVPNMEVTHVSQLTWARHGESGSMAVFHQTQGPSYSESKRLEFVAARLGAELRN
ASLRMFGLRVEDEGNYTCLFVTFPQGSRSVDIWLRVLAKPQNTAEVQKVQLTGEPVPMARCVSTGGRPPAQITWHSDLGG
MPNTSQVPGFLSGTVTVTSLWILVPSSQVDGKNVTCKVEHESFEKPQLLTVNLTVYYPPEVSISGYDNNWYLGQNEATLT
CDARSNPEPTGYNWSTTMGPLPPFAVAQGAQLLIRPVDKPINTTLICNVTNALGARQAELTVQVKEGPPTSHHHHHH
;
D
#
loop_
_chem_comp.id
_chem_comp.type
_chem_comp.name
_chem_comp.formula
FUC L-saccharide, alpha linking alpha-L-fucopyranose 'C6 H12 O5'
NAG D-saccharide, beta linking 2-acetamido-2-deoxy-beta-D-glucopyranose 'C8 H15 N O6'
#
# COMPACT_ATOMS: atom_id res chain seq x y z
N VAL A 8 18.35 -19.17 -25.92
CA VAL A 8 17.99 -18.69 -24.59
C VAL A 8 16.55 -18.14 -24.59
N ASN A 9 16.23 -17.22 -25.53
CA ASN A 9 14.93 -16.59 -25.71
C ASN A 9 14.87 -15.99 -27.14
N THR A 10 14.57 -16.84 -28.13
CA THR A 10 14.53 -16.43 -29.54
C THR A 10 13.15 -16.70 -30.18
N GLU A 11 12.72 -15.77 -31.04
CA GLU A 11 11.48 -15.83 -31.82
C GLU A 11 11.85 -15.88 -33.31
N GLU A 12 11.26 -16.81 -34.07
CA GLU A 12 11.56 -16.97 -35.50
C GLU A 12 10.31 -17.28 -36.32
N ASN A 13 10.22 -16.67 -37.53
CA ASN A 13 9.12 -16.87 -38.46
C ASN A 13 9.48 -17.92 -39.51
N VAL A 14 8.61 -18.93 -39.68
CA VAL A 14 8.79 -20.02 -40.64
C VAL A 14 7.61 -19.97 -41.63
N TYR A 15 7.94 -19.86 -42.93
CA TYR A 15 6.93 -19.80 -43.99
C TYR A 15 6.94 -21.07 -44.82
N ALA A 16 5.75 -21.65 -45.04
CA ALA A 16 5.54 -22.87 -45.81
C ALA A 16 4.18 -22.81 -46.55
N THR A 17 3.91 -23.79 -47.44
CA THR A 17 2.66 -23.85 -48.19
C THR A 17 1.89 -25.15 -47.83
N LEU A 18 0.76 -25.42 -48.51
CA LEU A 18 -0.05 -26.61 -48.29
C LEU A 18 0.65 -27.83 -48.91
N GLY A 19 0.85 -28.86 -48.11
CA GLY A 19 1.52 -30.09 -48.52
C GLY A 19 3.02 -30.09 -48.33
N SER A 20 3.55 -29.08 -47.61
CA SER A 20 4.98 -28.94 -47.32
C SER A 20 5.39 -29.74 -46.09
N ASP A 21 6.70 -30.02 -45.99
CA ASP A 21 7.32 -30.74 -44.87
C ASP A 21 8.36 -29.84 -44.20
N VAL A 22 8.31 -29.72 -42.87
CA VAL A 22 9.26 -28.90 -42.12
C VAL A 22 9.67 -29.60 -40.81
N ASN A 23 10.94 -29.42 -40.41
CA ASN A 23 11.48 -29.97 -39.18
C ASN A 23 11.99 -28.81 -38.31
N LEU A 24 11.24 -28.49 -37.24
CA LEU A 24 11.62 -27.42 -36.30
C LEU A 24 12.64 -28.01 -35.35
N THR A 25 13.92 -27.59 -35.47
CA THR A 25 15.02 -28.14 -34.68
C THR A 25 15.59 -27.10 -33.70
N CYS A 26 15.71 -27.50 -32.43
CA CYS A 26 16.29 -26.71 -31.35
C CYS A 26 17.66 -27.33 -31.02
N GLN A 27 18.73 -26.76 -31.60
CA GLN A 27 20.10 -27.25 -31.42
C GLN A 27 20.77 -26.55 -30.25
N THR A 28 21.33 -27.35 -29.32
CA THR A 28 22.00 -26.85 -28.12
C THR A 28 23.16 -27.79 -27.70
N GLN A 29 24.06 -27.29 -26.85
CA GLN A 29 25.21 -28.02 -26.33
C GLN A 29 25.35 -27.75 -24.83
N THR A 30 25.67 -28.81 -24.07
CA THR A 30 25.81 -28.71 -22.62
C THR A 30 27.26 -29.03 -22.17
N VAL A 31 27.70 -28.39 -21.08
CA VAL A 31 29.01 -28.63 -20.48
C VAL A 31 28.84 -29.88 -19.59
N GLY A 32 27.68 -29.99 -18.95
CA GLY A 32 27.30 -31.09 -18.07
C GLY A 32 26.39 -32.12 -18.72
N PHE A 33 25.06 -31.95 -18.53
CA PHE A 33 24.04 -32.87 -19.05
C PHE A 33 22.71 -32.17 -19.33
N PHE A 34 21.85 -32.82 -20.15
CA PHE A 34 20.50 -32.36 -20.48
C PHE A 34 19.53 -32.90 -19.44
N VAL A 35 18.74 -32.02 -18.83
CA VAL A 35 17.80 -32.39 -17.77
C VAL A 35 16.48 -32.90 -18.41
N GLN A 36 15.82 -32.09 -19.25
CA GLN A 36 14.56 -32.41 -19.91
C GLN A 36 14.30 -31.45 -21.07
N MET A 37 13.44 -31.85 -22.02
CA MET A 37 13.08 -31.02 -23.16
C MET A 37 11.66 -31.32 -23.62
N GLN A 38 10.94 -30.27 -24.08
CA GLN A 38 9.55 -30.42 -24.52
C GLN A 38 9.20 -29.56 -25.73
N TRP A 39 8.15 -29.97 -26.46
CA TRP A 39 7.55 -29.29 -27.60
C TRP A 39 6.09 -29.01 -27.27
N SER A 40 5.61 -27.80 -27.59
CA SER A 40 4.22 -27.40 -27.32
C SER A 40 3.74 -26.33 -28.28
N LYS A 41 2.43 -26.32 -28.57
CA LYS A 41 1.81 -25.30 -29.41
C LYS A 41 1.16 -24.26 -28.49
N VAL A 42 1.49 -22.98 -28.69
CA VAL A 42 0.97 -21.90 -27.85
C VAL A 42 -0.01 -21.03 -28.64
N THR A 43 -1.25 -20.95 -28.12
CA THR A 43 -2.38 -20.16 -28.65
C THR A 43 -3.02 -19.46 -27.45
N ASN A 44 -4.28 -19.82 -27.10
CA ASN A 44 -4.97 -19.31 -25.92
C ASN A 44 -4.45 -20.05 -24.69
N LYS A 45 -4.03 -21.31 -24.90
CA LYS A 45 -3.50 -22.23 -23.89
C LYS A 45 -2.22 -22.90 -24.39
N ILE A 46 -1.38 -23.41 -23.46
CA ILE A 46 -0.13 -24.09 -23.76
C ILE A 46 -0.43 -25.60 -23.92
N ASP A 47 -0.67 -26.03 -25.17
CA ASP A 47 -0.99 -27.43 -25.49
C ASP A 47 0.31 -28.21 -25.73
N LEU A 48 0.70 -29.03 -24.73
CA LEU A 48 1.91 -29.86 -24.74
C LEU A 48 1.81 -30.97 -25.80
N ILE A 49 2.88 -31.12 -26.61
CA ILE A 49 2.94 -32.10 -27.69
C ILE A 49 3.77 -33.33 -27.26
N ALA A 50 5.04 -33.13 -26.88
CA ALA A 50 5.94 -34.21 -26.47
C ALA A 50 6.99 -33.75 -25.47
N VAL A 51 7.42 -34.66 -24.58
CA VAL A 51 8.45 -34.42 -23.55
C VAL A 51 9.49 -35.55 -23.63
N TYR A 52 10.78 -35.21 -23.54
CA TYR A 52 11.87 -36.19 -23.53
C TYR A 52 12.77 -35.95 -22.33
N HIS A 53 13.07 -37.05 -21.62
CA HIS A 53 13.98 -37.07 -20.48
C HIS A 53 15.03 -38.17 -20.73
N PRO A 54 16.34 -37.91 -20.50
CA PRO A 54 17.36 -38.95 -20.78
C PRO A 54 17.19 -40.24 -20.00
N GLN A 55 16.58 -40.18 -18.79
CA GLN A 55 16.36 -41.35 -17.95
C GLN A 55 14.97 -41.96 -18.15
N TYR A 56 13.90 -41.13 -18.04
CA TYR A 56 12.50 -41.58 -18.15
C TYR A 56 12.05 -41.83 -19.60
N GLY A 57 12.77 -41.29 -20.58
CA GLY A 57 12.45 -41.47 -22.00
C GLY A 57 11.49 -40.45 -22.55
N PHE A 58 10.71 -40.86 -23.58
CA PHE A 58 9.72 -40.03 -24.26
C PHE A 58 8.33 -40.11 -23.64
N TYR A 59 7.46 -39.16 -24.00
CA TYR A 59 6.05 -39.10 -23.61
C TYR A 59 5.26 -38.33 -24.65
N CYS A 60 4.35 -39.02 -25.34
CA CYS A 60 3.46 -38.41 -26.32
C CYS A 60 2.12 -38.17 -25.68
N ALA A 61 1.71 -36.90 -25.59
CA ALA A 61 0.47 -36.47 -24.96
C ALA A 61 -0.77 -37.10 -25.61
N TYR A 62 -0.70 -37.37 -26.92
CA TYR A 62 -1.79 -37.91 -27.73
C TYR A 62 -1.64 -39.43 -27.92
N GLY A 63 -2.07 -39.93 -29.09
CA GLY A 63 -2.06 -41.35 -29.45
C GLY A 63 -0.70 -42.04 -29.51
N ARG A 64 -0.74 -43.38 -29.58
CA ARG A 64 0.43 -44.26 -29.65
C ARG A 64 1.29 -44.03 -30.93
N PRO A 65 0.74 -43.87 -32.17
CA PRO A 65 1.63 -43.64 -33.33
C PRO A 65 2.16 -42.20 -33.36
N CYS A 66 3.23 -41.96 -32.58
CA CYS A 66 3.92 -40.68 -32.44
C CYS A 66 5.42 -40.86 -32.74
N GLU A 67 5.77 -42.01 -33.34
CA GLU A 67 7.11 -42.46 -33.71
C GLU A 67 7.80 -41.45 -34.66
N SER A 68 7.05 -40.90 -35.62
CA SER A 68 7.57 -39.95 -36.61
C SER A 68 7.17 -38.49 -36.30
N LEU A 69 6.86 -38.18 -35.03
CA LEU A 69 6.45 -36.82 -34.61
C LEU A 69 7.64 -36.05 -34.01
N VAL A 70 8.47 -36.70 -33.17
CA VAL A 70 9.63 -36.07 -32.53
C VAL A 70 10.88 -36.96 -32.63
N THR A 71 12.08 -36.33 -32.62
CA THR A 71 13.38 -36.99 -32.70
C THR A 71 14.40 -36.22 -31.83
N PHE A 72 15.29 -36.96 -31.15
CA PHE A 72 16.37 -36.42 -30.34
C PHE A 72 17.69 -37.05 -30.82
N THR A 73 18.54 -36.25 -31.46
CA THR A 73 19.82 -36.73 -31.97
C THR A 73 20.94 -36.28 -31.01
N GLU A 74 21.60 -37.25 -30.35
CA GLU A 74 22.68 -36.99 -29.40
C GLU A 74 24.04 -37.02 -30.10
N GLU A 77 29.99 -35.97 -27.24
CA GLU A 77 30.37 -34.55 -27.30
C GLU A 77 29.40 -33.65 -26.49
N ASN A 78 28.30 -34.25 -25.96
CA ASN A 78 27.23 -33.61 -25.17
C ASN A 78 26.45 -32.55 -26.00
N GLY A 79 26.28 -32.84 -27.29
CA GLY A 79 25.53 -32.00 -28.22
C GLY A 79 24.21 -32.64 -28.59
N SER A 80 23.17 -31.83 -28.83
CA SER A 80 21.85 -32.38 -29.16
C SER A 80 21.11 -31.62 -30.26
N LYS A 81 20.05 -32.26 -30.79
CA LYS A 81 19.14 -31.75 -31.80
C LYS A 81 17.72 -32.21 -31.44
N TRP A 82 16.94 -31.31 -30.84
CA TRP A 82 15.56 -31.54 -30.43
C TRP A 82 14.64 -31.11 -31.59
N THR A 83 14.13 -32.11 -32.35
CA THR A 83 13.35 -31.87 -33.56
C THR A 83 11.88 -32.29 -33.44
N LEU A 84 10.99 -31.50 -34.04
CA LEU A 84 9.54 -31.72 -34.17
C LEU A 84 9.23 -31.81 -35.68
N HIS A 85 8.73 -32.97 -36.13
CA HIS A 85 8.45 -33.23 -37.53
C HIS A 85 6.99 -32.96 -37.89
N LEU A 86 6.79 -32.18 -38.96
CA LEU A 86 5.49 -31.81 -39.52
C LEU A 86 5.50 -32.11 -41.02
N ARG A 87 4.61 -33.00 -41.49
CA ARG A 87 4.55 -33.43 -42.89
C ARG A 87 3.16 -33.20 -43.50
N ASN A 88 3.12 -32.86 -44.80
CA ASN A 88 1.90 -32.59 -45.60
C ASN A 88 0.94 -31.68 -44.81
N MET A 89 1.46 -30.50 -44.43
CA MET A 89 0.80 -29.49 -43.60
C MET A 89 -0.39 -28.81 -44.27
N SER A 90 -1.34 -28.37 -43.44
CA SER A 90 -2.55 -27.63 -43.82
C SER A 90 -2.62 -26.32 -43.01
N SER A 91 -3.69 -25.51 -43.21
CA SER A 91 -3.89 -24.23 -42.53
C SER A 91 -4.12 -24.40 -41.00
N SER A 92 -4.63 -25.58 -40.57
CA SER A 92 -4.90 -25.89 -39.17
C SER A 92 -3.61 -26.10 -38.36
N VAL A 93 -2.51 -26.47 -39.04
CA VAL A 93 -1.17 -26.71 -38.44
C VAL A 93 -0.48 -25.36 -38.14
N SER A 94 -0.86 -24.27 -38.85
CA SER A 94 -0.30 -22.92 -38.67
C SER A 94 -0.48 -22.43 -37.23
N GLY A 95 0.60 -21.91 -36.65
CA GLY A 95 0.63 -21.39 -35.29
C GLY A 95 2.01 -21.31 -34.68
N ARG A 96 2.05 -20.89 -33.40
CA ARG A 96 3.30 -20.75 -32.64
C ARG A 96 3.64 -22.06 -31.93
N TYR A 97 4.86 -22.56 -32.15
CA TYR A 97 5.40 -23.78 -31.55
C TYR A 97 6.62 -23.43 -30.73
N GLU A 98 6.57 -23.72 -29.41
CA GLU A 98 7.67 -23.42 -28.50
C GLU A 98 8.38 -24.67 -28.02
N CYS A 99 9.71 -24.61 -27.93
CA CYS A 99 10.55 -25.68 -27.39
C CYS A 99 11.24 -25.17 -26.14
N MET A 100 11.30 -26.00 -25.11
CA MET A 100 11.93 -25.66 -23.84
C MET A 100 13.01 -26.68 -23.54
N LEU A 101 14.25 -26.22 -23.42
CA LEU A 101 15.40 -27.08 -23.15
C LEU A 101 15.96 -26.78 -21.77
N VAL A 102 15.88 -27.76 -20.86
CA VAL A 102 16.42 -27.64 -19.50
C VAL A 102 17.78 -28.33 -19.50
N LEU A 103 18.84 -27.54 -19.26
CA LEU A 103 20.24 -27.97 -19.25
C LEU A 103 20.87 -27.73 -17.88
N TYR A 104 21.86 -28.55 -17.52
CA TYR A 104 22.59 -28.38 -16.27
C TYR A 104 24.09 -28.21 -16.53
N PRO A 105 24.71 -27.09 -16.11
CA PRO A 105 24.16 -25.98 -15.32
C PRO A 105 23.82 -24.72 -16.17
N GLU A 106 23.53 -24.90 -17.47
CA GLU A 106 23.24 -23.81 -18.40
C GLU A 106 21.86 -23.16 -18.17
N GLY A 107 20.93 -23.93 -17.59
CA GLY A 107 19.59 -23.46 -17.29
C GLY A 107 18.55 -23.77 -18.35
N ILE A 108 17.53 -22.91 -18.45
CA ILE A 108 16.42 -23.07 -19.39
C ILE A 108 16.63 -22.22 -20.65
N GLN A 109 16.58 -22.88 -21.81
CA GLN A 109 16.64 -22.30 -23.15
C GLN A 109 15.26 -22.38 -23.76
N THR A 110 14.83 -21.31 -24.46
CA THR A 110 13.52 -21.24 -25.09
C THR A 110 13.63 -20.72 -26.52
N LYS A 111 12.92 -21.37 -27.45
CA LYS A 111 12.86 -20.96 -28.85
C LYS A 111 11.43 -21.11 -29.35
N ILE A 112 10.85 -20.01 -29.86
CA ILE A 112 9.48 -19.97 -30.37
C ILE A 112 9.53 -19.86 -31.90
N TYR A 113 8.86 -20.80 -32.57
CA TYR A 113 8.73 -20.88 -34.02
C TYR A 113 7.32 -20.53 -34.44
N ASN A 114 7.14 -19.41 -35.16
CA ASN A 114 5.83 -19.01 -35.64
C ASN A 114 5.67 -19.53 -37.06
N LEU A 115 5.00 -20.69 -37.20
CA LEU A 115 4.79 -21.37 -38.47
C LEU A 115 3.57 -20.78 -39.18
N LEU A 116 3.80 -20.24 -40.38
CA LEU A 116 2.77 -19.63 -41.21
C LEU A 116 2.60 -20.42 -42.51
N ILE A 117 1.37 -20.90 -42.76
CA ILE A 117 1.04 -21.68 -43.96
C ILE A 117 0.34 -20.75 -44.96
N GLN A 118 0.97 -20.53 -46.13
CA GLN A 118 0.48 -19.68 -47.20
C GLN A 118 0.05 -20.51 -48.41
N ASP B 3 -3.90 -32.45 -14.58
CA ASP B 3 -4.55 -32.02 -13.34
C ASP B 3 -3.53 -31.52 -12.30
N VAL B 4 -2.21 -31.72 -12.57
CA VAL B 4 -1.12 -31.28 -11.70
C VAL B 4 -1.05 -29.75 -11.76
N VAL B 5 -1.27 -29.09 -10.61
CA VAL B 5 -1.30 -27.63 -10.51
C VAL B 5 -0.25 -27.12 -9.50
N VAL B 6 0.22 -25.88 -9.69
CA VAL B 6 1.19 -25.22 -8.82
C VAL B 6 0.44 -24.18 -7.96
N GLN B 7 0.38 -24.43 -6.64
CA GLN B 7 -0.29 -23.56 -5.68
C GLN B 7 0.68 -22.54 -5.09
N ALA B 8 0.39 -21.23 -5.31
CA ALA B 8 1.18 -20.09 -4.84
C ALA B 8 0.35 -18.79 -4.88
N PRO B 9 0.60 -17.80 -3.97
CA PRO B 9 -0.16 -16.54 -4.06
C PRO B 9 0.37 -15.63 -5.16
N THR B 10 -0.51 -14.73 -5.69
CA THR B 10 -0.15 -13.77 -6.75
C THR B 10 0.85 -12.74 -6.24
N GLN B 11 0.70 -12.34 -4.96
CA GLN B 11 1.56 -11.37 -4.29
C GLN B 11 1.87 -11.80 -2.86
N VAL B 12 3.05 -11.42 -2.33
CA VAL B 12 3.48 -11.75 -0.97
C VAL B 12 4.12 -10.51 -0.29
N PRO B 13 3.57 -10.06 0.86
CA PRO B 13 4.15 -8.89 1.55
C PRO B 13 5.37 -9.26 2.39
N GLY B 14 6.46 -8.53 2.17
CA GLY B 14 7.73 -8.70 2.88
C GLY B 14 8.24 -7.36 3.37
N PHE B 15 8.72 -7.30 4.63
CA PHE B 15 9.21 -6.06 5.23
C PHE B 15 10.71 -5.83 5.00
N LEU B 16 11.06 -4.58 4.65
CA LEU B 16 12.40 -4.07 4.39
C LEU B 16 13.34 -4.33 5.59
N GLY B 17 14.45 -5.00 5.31
CA GLY B 17 15.46 -5.33 6.32
C GLY B 17 15.33 -6.76 6.86
N ASP B 18 14.09 -7.22 7.07
CA ASP B 18 13.77 -8.55 7.59
C ASP B 18 13.79 -9.62 6.48
N SER B 19 13.20 -10.81 6.72
CA SER B 19 13.16 -11.91 5.76
C SER B 19 11.73 -12.27 5.36
N VAL B 20 11.56 -12.90 4.18
CA VAL B 20 10.26 -13.33 3.64
C VAL B 20 10.38 -14.73 3.01
N THR B 21 9.31 -15.52 3.12
CA THR B 21 9.23 -16.85 2.53
C THR B 21 8.29 -16.76 1.32
N LEU B 22 8.79 -17.15 0.14
CA LEU B 22 8.01 -17.15 -1.09
C LEU B 22 7.34 -18.54 -1.23
N PRO B 23 6.03 -18.68 -0.95
CA PRO B 23 5.40 -20.00 -1.03
C PRO B 23 5.17 -20.46 -2.46
N CYS B 24 5.48 -21.74 -2.72
CA CYS B 24 5.34 -22.40 -4.03
C CYS B 24 5.35 -23.91 -3.83
N TYR B 25 4.19 -24.55 -4.01
CA TYR B 25 4.01 -25.99 -3.83
C TYR B 25 3.34 -26.62 -5.06
N LEU B 26 3.75 -27.85 -5.41
CA LEU B 26 3.18 -28.61 -6.53
C LEU B 26 2.12 -29.58 -5.99
N GLN B 27 0.85 -29.30 -6.29
CA GLN B 27 -0.28 -30.13 -5.88
C GLN B 27 -0.50 -31.22 -6.93
N VAL B 28 -0.27 -32.48 -6.54
CA VAL B 28 -0.39 -33.66 -7.41
C VAL B 28 -1.51 -34.56 -6.87
N PRO B 29 -2.53 -34.93 -7.72
CA PRO B 29 -3.59 -35.84 -7.23
C PRO B 29 -3.01 -37.19 -6.81
N ASN B 30 -3.55 -37.74 -5.69
CA ASN B 30 -3.15 -38.98 -5.01
C ASN B 30 -2.81 -40.16 -5.94
N MET B 31 -3.59 -40.37 -7.02
CA MET B 31 -3.39 -41.48 -7.95
C MET B 31 -2.41 -41.15 -9.09
N GLU B 32 -2.11 -39.85 -9.32
CA GLU B 32 -1.21 -39.41 -10.39
C GLU B 32 0.26 -39.62 -10.01
N VAL B 33 1.09 -40.03 -10.99
CA VAL B 33 2.53 -40.28 -10.83
C VAL B 33 3.31 -39.21 -11.59
N THR B 34 4.24 -38.53 -10.90
CA THR B 34 5.08 -37.49 -11.49
C THR B 34 6.52 -37.58 -10.94
N HIS B 35 7.48 -37.04 -11.72
CA HIS B 35 8.89 -37.02 -11.36
C HIS B 35 9.45 -35.62 -11.59
N VAL B 36 9.74 -34.89 -10.49
CA VAL B 36 10.27 -33.54 -10.56
C VAL B 36 11.78 -33.61 -10.63
N SER B 37 12.32 -33.34 -11.83
CA SER B 37 13.75 -33.35 -12.13
C SER B 37 14.47 -32.19 -11.43
N GLN B 38 13.87 -30.98 -11.41
CA GLN B 38 14.44 -29.81 -10.74
C GLN B 38 13.43 -28.66 -10.51
N LEU B 39 13.75 -27.77 -9.55
CA LEU B 39 12.98 -26.56 -9.20
C LEU B 39 13.78 -25.34 -9.66
N THR B 40 13.09 -24.33 -10.21
CA THR B 40 13.77 -23.12 -10.70
C THR B 40 13.07 -21.85 -10.21
N TRP B 41 13.89 -20.89 -9.74
CA TRP B 41 13.48 -19.55 -9.31
C TRP B 41 14.20 -18.55 -10.20
N ALA B 42 13.42 -17.65 -10.82
CA ALA B 42 13.96 -16.65 -11.71
C ALA B 42 13.28 -15.31 -11.54
N ARG B 43 14.06 -14.24 -11.69
CA ARG B 43 13.58 -12.86 -11.63
C ARG B 43 13.28 -12.41 -13.07
N HIS B 44 12.14 -11.70 -13.26
CA HIS B 44 11.72 -11.19 -14.57
C HIS B 44 12.77 -10.24 -15.16
N GLY B 45 13.37 -10.68 -16.28
CA GLY B 45 14.41 -9.94 -16.99
C GLY B 45 15.72 -9.84 -16.23
N GLU B 46 16.33 -11.00 -15.92
CA GLU B 46 17.60 -11.08 -15.20
C GLU B 46 18.59 -12.04 -15.90
N SER B 47 18.23 -12.48 -17.15
CA SER B 47 18.98 -13.39 -18.04
C SER B 47 19.19 -14.79 -17.43
N GLY B 48 19.99 -14.88 -16.36
CA GLY B 48 20.27 -16.13 -15.66
C GLY B 48 19.32 -16.44 -14.53
N SER B 49 19.46 -17.63 -13.94
CA SER B 49 18.62 -18.09 -12.84
C SER B 49 19.08 -17.49 -11.51
N MET B 50 18.19 -17.54 -10.50
CA MET B 50 18.40 -17.00 -9.16
C MET B 50 18.65 -18.11 -8.14
N ALA B 51 17.80 -19.15 -8.15
CA ALA B 51 17.87 -20.31 -7.27
C ALA B 51 17.41 -21.57 -8.01
N VAL B 52 18.21 -22.64 -7.96
CA VAL B 52 17.92 -23.92 -8.63
C VAL B 52 18.14 -25.07 -7.66
N PHE B 53 17.22 -26.05 -7.65
CA PHE B 53 17.35 -27.26 -6.85
C PHE B 53 17.13 -28.48 -7.74
N HIS B 54 18.21 -29.20 -8.08
CA HIS B 54 18.16 -30.42 -8.89
C HIS B 54 18.04 -31.63 -7.98
N GLN B 55 17.29 -32.68 -8.41
CA GLN B 55 17.02 -33.89 -7.63
C GLN B 55 18.29 -34.71 -7.30
N THR B 56 19.36 -34.61 -8.12
CA THR B 56 20.60 -35.36 -7.87
C THR B 56 21.78 -34.42 -7.57
N GLN B 57 21.76 -33.18 -8.08
CA GLN B 57 22.84 -32.20 -7.88
C GLN B 57 22.70 -31.43 -6.57
N GLY B 58 21.49 -30.93 -6.28
CA GLY B 58 21.22 -30.18 -5.05
C GLY B 58 20.94 -28.71 -5.25
N PRO B 59 21.15 -27.87 -4.20
CA PRO B 59 20.86 -26.44 -4.33
C PRO B 59 22.00 -25.61 -4.94
N SER B 60 21.61 -24.53 -5.64
CA SER B 60 22.50 -23.57 -6.29
C SER B 60 21.85 -22.19 -6.28
N TYR B 61 22.53 -21.20 -5.66
CA TYR B 61 22.00 -19.83 -5.51
C TYR B 61 23.00 -18.78 -6.02
N SER B 62 22.53 -17.53 -6.18
CA SER B 62 23.34 -16.39 -6.62
C SER B 62 24.22 -15.88 -5.49
N ARG B 66 21.53 -15.19 1.70
CA ARG B 66 20.57 -14.37 0.96
C ARG B 66 19.35 -15.19 0.52
N LEU B 67 19.57 -16.37 -0.10
CA LEU B 67 18.51 -17.27 -0.57
C LEU B 67 18.70 -18.68 -0.01
N GLU B 68 17.58 -19.35 0.35
CA GLU B 68 17.62 -20.71 0.90
C GLU B 68 16.29 -21.46 0.70
N PHE B 69 16.36 -22.72 0.18
CA PHE B 69 15.19 -23.58 0.00
C PHE B 69 14.84 -24.16 1.37
N VAL B 70 13.64 -23.82 1.89
CA VAL B 70 13.20 -24.20 3.25
C VAL B 70 12.67 -25.65 3.35
N ALA B 71 12.20 -26.27 2.26
CA ALA B 71 11.64 -27.62 2.34
C ALA B 71 12.31 -28.65 1.40
N ALA B 72 13.08 -28.19 0.40
CA ALA B 72 13.75 -29.09 -0.56
C ALA B 72 14.90 -29.87 0.10
N ARG B 73 14.99 -31.18 -0.24
CA ARG B 73 16.00 -32.10 0.30
C ARG B 73 16.27 -33.24 -0.68
N LEU B 74 17.54 -33.67 -0.77
CA LEU B 74 17.98 -34.78 -1.63
C LEU B 74 17.48 -36.12 -1.09
N GLY B 75 16.87 -36.92 -1.97
CA GLY B 75 16.31 -38.21 -1.62
C GLY B 75 14.79 -38.24 -1.71
N ALA B 76 14.14 -37.20 -1.15
CA ALA B 76 12.68 -37.03 -1.14
C ALA B 76 12.20 -36.40 -2.44
N GLU B 77 10.99 -36.80 -2.91
CA GLU B 77 10.38 -36.29 -4.14
C GLU B 77 10.01 -34.81 -3.95
N LEU B 78 10.60 -33.95 -4.79
CA LEU B 78 10.46 -32.48 -4.77
C LEU B 78 9.02 -32.05 -5.03
N ARG B 79 8.44 -31.28 -4.09
CA ARG B 79 7.06 -30.79 -4.18
C ARG B 79 6.97 -29.37 -3.68
N ASN B 80 7.64 -29.05 -2.57
CA ASN B 80 7.62 -27.72 -1.97
C ASN B 80 8.88 -26.95 -2.38
N ALA B 81 8.70 -26.00 -3.32
CA ALA B 81 9.77 -25.15 -3.84
C ALA B 81 9.81 -23.78 -3.14
N SER B 82 9.30 -23.71 -1.88
CA SER B 82 9.30 -22.47 -1.11
C SER B 82 10.72 -22.02 -0.78
N LEU B 83 11.02 -20.73 -1.05
CA LEU B 83 12.34 -20.13 -0.86
C LEU B 83 12.31 -18.97 0.11
N ARG B 84 13.31 -18.88 1.00
CA ARG B 84 13.43 -17.80 1.98
C ARG B 84 14.43 -16.75 1.48
N MET B 85 13.98 -15.50 1.43
CA MET B 85 14.76 -14.33 1.02
C MET B 85 15.14 -13.55 2.28
N PHE B 86 16.45 -13.50 2.60
CA PHE B 86 16.96 -12.80 3.78
C PHE B 86 17.41 -11.38 3.43
N GLY B 87 17.20 -10.46 4.39
CA GLY B 87 17.58 -9.04 4.27
C GLY B 87 16.99 -8.36 3.06
N LEU B 88 15.67 -8.08 3.11
CA LEU B 88 14.92 -7.46 2.02
C LEU B 88 15.38 -6.03 1.75
N ARG B 89 15.75 -5.78 0.48
CA ARG B 89 16.20 -4.49 -0.04
C ARG B 89 15.14 -3.88 -0.95
N VAL B 90 15.30 -2.60 -1.33
CA VAL B 90 14.39 -1.87 -2.22
C VAL B 90 14.42 -2.52 -3.62
N GLU B 91 15.63 -2.89 -4.09
CA GLU B 91 15.89 -3.53 -5.38
C GLU B 91 15.32 -4.96 -5.46
N ASP B 92 14.89 -5.54 -4.33
CA ASP B 92 14.33 -6.90 -4.27
C ASP B 92 12.84 -6.95 -4.69
N GLU B 93 12.15 -5.79 -4.75
CA GLU B 93 10.75 -5.70 -5.17
C GLU B 93 10.64 -5.96 -6.66
N GLY B 94 9.80 -6.92 -7.02
CA GLY B 94 9.58 -7.31 -8.42
C GLY B 94 8.81 -8.60 -8.60
N ASN B 95 8.79 -9.10 -9.84
CA ASN B 95 8.10 -10.32 -10.25
C ASN B 95 9.09 -11.50 -10.30
N TYR B 96 8.67 -12.65 -9.74
CA TYR B 96 9.47 -13.88 -9.66
C TYR B 96 8.70 -15.07 -10.23
N THR B 97 9.41 -16.00 -10.88
CA THR B 97 8.81 -17.20 -11.46
C THR B 97 9.33 -18.46 -10.75
N CYS B 98 8.39 -19.32 -10.34
CA CYS B 98 8.68 -20.58 -9.67
C CYS B 98 8.30 -21.73 -10.63
N LEU B 99 9.31 -22.29 -11.31
CA LEU B 99 9.13 -23.36 -12.31
C LEU B 99 9.45 -24.75 -11.75
N PHE B 100 8.63 -25.75 -12.15
CA PHE B 100 8.76 -27.16 -11.82
C PHE B 100 9.01 -27.95 -13.10
N VAL B 101 10.15 -28.64 -13.20
CA VAL B 101 10.48 -29.45 -14.38
C VAL B 101 10.01 -30.88 -14.06
N THR B 102 8.74 -31.17 -14.38
CA THR B 102 8.10 -32.46 -14.08
C THR B 102 8.01 -33.37 -15.32
N PHE B 103 7.87 -34.68 -15.06
CA PHE B 103 7.70 -35.72 -16.08
C PHE B 103 6.56 -36.65 -15.65
N PRO B 104 5.59 -36.95 -16.54
CA PRO B 104 5.50 -36.56 -17.96
C PRO B 104 4.66 -35.30 -18.23
N GLN B 105 4.30 -34.54 -17.19
CA GLN B 105 3.44 -33.33 -17.28
C GLN B 105 4.17 -32.12 -17.88
N GLY B 106 5.50 -32.16 -17.96
CA GLY B 106 6.31 -31.08 -18.52
C GLY B 106 6.61 -29.96 -17.54
N SER B 107 6.83 -28.75 -18.06
CA SER B 107 7.14 -27.59 -17.24
C SER B 107 5.87 -26.88 -16.79
N ARG B 108 5.75 -26.66 -15.47
CA ARG B 108 4.63 -25.98 -14.84
C ARG B 108 5.18 -24.85 -13.97
N SER B 109 4.63 -23.62 -14.13
CA SER B 109 5.12 -22.46 -13.38
C SER B 109 4.01 -21.47 -12.95
N VAL B 110 4.36 -20.59 -11.99
CA VAL B 110 3.53 -19.51 -11.45
C VAL B 110 4.36 -18.23 -11.34
N ASP B 111 3.69 -17.07 -11.39
CA ASP B 111 4.35 -15.77 -11.26
C ASP B 111 3.91 -15.12 -9.95
N ILE B 112 4.88 -14.87 -9.06
CA ILE B 112 4.65 -14.28 -7.73
C ILE B 112 5.29 -12.89 -7.66
N TRP B 113 4.52 -11.89 -7.19
CA TRP B 113 5.00 -10.52 -7.03
C TRP B 113 5.44 -10.30 -5.59
N LEU B 114 6.67 -9.83 -5.39
CA LEU B 114 7.21 -9.53 -4.07
C LEU B 114 7.01 -8.04 -3.77
N ARG B 115 6.31 -7.74 -2.67
CA ARG B 115 6.02 -6.37 -2.25
C ARG B 115 6.85 -6.00 -1.02
N VAL B 116 7.83 -5.10 -1.20
CA VAL B 116 8.71 -4.64 -0.12
C VAL B 116 7.98 -3.51 0.61
N LEU B 117 7.68 -3.73 1.89
CA LEU B 117 6.95 -2.77 2.74
C LEU B 117 7.80 -2.26 3.90
N ALA B 118 7.29 -1.23 4.60
CA ALA B 118 7.88 -0.59 5.77
C ALA B 118 6.78 0.06 6.61
N LYS B 119 6.64 -0.39 7.88
CA LYS B 119 5.61 0.12 8.80
C LYS B 119 5.92 1.57 9.20
N PRO B 120 5.03 2.54 8.87
CA PRO B 120 5.31 3.94 9.23
C PRO B 120 4.96 4.28 10.69
N GLN B 121 5.62 5.32 11.22
CA GLN B 121 5.43 5.84 12.57
C GLN B 121 4.48 7.04 12.50
N ASN B 122 3.24 6.87 12.99
CA ASN B 122 2.21 7.90 12.95
C ASN B 122 2.18 8.74 14.22
N THR B 123 2.17 10.08 14.05
CA THR B 123 2.14 11.07 15.14
C THR B 123 1.26 12.27 14.73
N ALA B 124 0.33 12.66 15.61
CA ALA B 124 -0.56 13.81 15.40
C ALA B 124 -0.22 14.93 16.37
N GLU B 125 -0.35 16.19 15.93
CA GLU B 125 -0.01 17.38 16.72
C GLU B 125 -0.95 18.55 16.45
N VAL B 126 -1.19 19.39 17.48
CA VAL B 126 -2.04 20.58 17.40
C VAL B 126 -1.16 21.81 17.10
N GLN B 127 -1.65 22.71 16.23
CA GLN B 127 -0.95 23.96 15.88
C GLN B 127 -1.71 25.13 16.50
N LYS B 128 -1.14 25.70 17.57
CA LYS B 128 -1.72 26.83 18.33
C LYS B 128 -1.63 28.11 17.50
N VAL B 129 -2.79 28.65 17.12
CA VAL B 129 -2.90 29.86 16.29
C VAL B 129 -3.84 30.91 16.92
N GLN B 130 -3.69 32.18 16.49
CA GLN B 130 -4.50 33.30 16.96
C GLN B 130 -5.59 33.65 15.92
N LEU B 131 -6.11 34.90 15.91
CA LEU B 131 -7.18 35.31 14.99
C LEU B 131 -6.64 36.16 13.83
N THR B 132 -6.82 35.64 12.60
CA THR B 132 -6.40 36.27 11.34
C THR B 132 -7.39 35.89 10.23
N GLY B 133 -7.51 36.75 9.22
CA GLY B 133 -8.39 36.56 8.08
C GLY B 133 -8.02 35.40 7.17
N GLU B 134 -6.72 35.29 6.84
CA GLU B 134 -6.18 34.24 5.97
C GLU B 134 -6.21 32.86 6.65
N PRO B 135 -6.48 31.76 5.91
CA PRO B 135 -6.49 30.43 6.55
C PRO B 135 -5.07 29.95 6.87
N VAL B 136 -4.88 29.40 8.08
CA VAL B 136 -3.58 28.94 8.58
C VAL B 136 -3.72 27.48 9.17
N PRO B 137 -2.73 26.56 8.98
CA PRO B 137 -2.87 25.20 9.53
C PRO B 137 -3.07 25.17 11.05
N MET B 138 -4.02 24.34 11.51
CA MET B 138 -4.37 24.20 12.92
C MET B 138 -4.06 22.79 13.46
N ALA B 139 -3.86 21.81 12.55
CA ALA B 139 -3.55 20.42 12.89
C ALA B 139 -2.41 19.89 11.99
N ARG B 140 -1.66 18.89 12.50
CA ARG B 140 -0.53 18.26 11.81
C ARG B 140 -0.57 16.74 11.98
N CYS B 141 -0.40 16.00 10.87
CA CYS B 141 -0.40 14.53 10.85
C CYS B 141 0.83 14.04 10.06
N VAL B 142 1.78 13.39 10.76
CA VAL B 142 3.02 12.92 10.15
C VAL B 142 3.10 11.39 10.19
N SER B 143 3.35 10.77 9.02
CA SER B 143 3.50 9.33 8.83
C SER B 143 4.93 9.03 8.33
N THR B 144 5.90 9.06 9.26
CA THR B 144 7.33 8.89 9.01
C THR B 144 7.75 7.47 8.63
N GLY B 145 8.61 7.38 7.61
CA GLY B 145 9.23 6.17 7.09
C GLY B 145 8.32 5.03 6.65
N GLY B 146 7.49 5.30 5.65
CA GLY B 146 6.56 4.32 5.10
C GLY B 146 6.80 3.96 3.66
N ARG B 147 6.53 2.68 3.31
CA ARG B 147 6.68 2.16 1.95
C ARG B 147 5.51 1.19 1.64
N PRO B 148 4.59 1.52 0.70
CA PRO B 148 4.52 2.74 -0.13
C PRO B 148 4.03 3.95 0.69
N PRO B 149 4.06 5.22 0.18
CA PRO B 149 3.58 6.34 1.00
C PRO B 149 2.15 6.13 1.49
N ALA B 150 1.93 6.31 2.80
CA ALA B 150 0.64 6.13 3.47
C ALA B 150 -0.38 7.18 3.04
N GLN B 151 -1.67 6.80 3.03
CA GLN B 151 -2.78 7.68 2.64
C GLN B 151 -3.33 8.37 3.90
N ILE B 152 -3.35 9.71 3.90
CA ILE B 152 -3.84 10.48 5.05
C ILE B 152 -5.10 11.27 4.64
N THR B 153 -6.19 11.07 5.38
CA THR B 153 -7.49 11.73 5.20
C THR B 153 -7.95 12.33 6.53
N TRP B 154 -8.76 13.40 6.47
CA TRP B 154 -9.26 14.07 7.67
C TRP B 154 -10.77 13.87 7.81
N HIS B 155 -11.21 13.47 9.01
CA HIS B 155 -12.61 13.27 9.35
C HIS B 155 -13.09 14.43 10.22
N SER B 156 -13.66 15.47 9.57
CA SER B 156 -14.15 16.67 10.24
C SER B 156 -15.35 17.28 9.50
N ASP B 157 -16.41 17.62 10.27
CA ASP B 157 -17.64 18.21 9.76
C ASP B 157 -17.50 19.73 9.57
N LEU B 158 -16.41 20.33 10.12
CA LEU B 158 -16.09 21.76 10.03
C LEU B 158 -15.80 22.19 8.57
N GLY B 159 -15.23 21.28 7.78
CA GLY B 159 -14.93 21.49 6.36
C GLY B 159 -13.70 22.32 6.09
N GLY B 160 -12.53 21.69 6.22
CA GLY B 160 -11.23 22.32 5.98
C GLY B 160 -10.39 21.58 4.95
N MET B 161 -9.85 22.32 3.97
CA MET B 161 -9.01 21.78 2.89
C MET B 161 -7.64 21.33 3.43
N PRO B 162 -7.18 20.09 3.11
CA PRO B 162 -5.88 19.64 3.63
C PRO B 162 -4.70 19.92 2.69
N ASN B 163 -3.54 20.24 3.30
CA ASN B 163 -2.27 20.47 2.60
C ASN B 163 -1.37 19.27 2.89
N THR B 164 -1.40 18.27 1.98
CA THR B 164 -0.64 17.02 2.11
C THR B 164 0.60 17.07 1.22
N SER B 165 1.77 16.76 1.81
CA SER B 165 3.05 16.74 1.12
C SER B 165 3.86 15.50 1.47
N GLN B 166 4.68 15.03 0.52
CA GLN B 166 5.56 13.86 0.65
C GLN B 166 7.01 14.30 0.65
N VAL B 167 7.80 13.71 1.55
CA VAL B 167 9.22 14.02 1.74
C VAL B 167 10.00 12.68 1.89
N PRO B 168 11.27 12.58 1.42
CA PRO B 168 12.01 11.30 1.55
C PRO B 168 12.23 10.88 3.01
N GLY B 169 12.21 9.57 3.24
CA GLY B 169 12.41 8.98 4.55
C GLY B 169 13.88 8.82 4.91
N PHE B 170 14.15 8.48 6.18
CA PHE B 170 15.52 8.26 6.69
C PHE B 170 16.14 7.05 5.99
N LEU B 171 15.38 5.95 5.87
CA LEU B 171 15.80 4.74 5.19
C LEU B 171 15.50 4.85 3.69
N SER B 172 16.33 4.21 2.85
CA SER B 172 16.15 4.22 1.40
C SER B 172 14.90 3.44 1.01
N GLY B 173 14.09 4.04 0.14
CA GLY B 173 12.83 3.45 -0.32
C GLY B 173 11.60 3.84 0.47
N THR B 174 11.80 4.54 1.62
CA THR B 174 10.69 4.97 2.48
C THR B 174 10.37 6.46 2.25
N VAL B 175 9.11 6.87 2.48
CA VAL B 175 8.60 8.23 2.29
C VAL B 175 7.81 8.67 3.53
N THR B 176 8.08 9.89 4.04
CA THR B 176 7.35 10.46 5.18
C THR B 176 6.25 11.37 4.62
N VAL B 177 4.99 11.11 4.98
CA VAL B 177 3.84 11.89 4.50
C VAL B 177 3.39 12.84 5.63
N THR B 178 3.39 14.16 5.35
CA THR B 178 3.00 15.20 6.31
C THR B 178 1.77 15.94 5.78
N SER B 179 0.66 15.91 6.53
CA SER B 179 -0.58 16.58 6.14
C SER B 179 -1.00 17.62 7.18
N LEU B 180 -1.27 18.86 6.71
CA LEU B 180 -1.70 19.98 7.54
C LEU B 180 -3.16 20.30 7.25
N TRP B 181 -3.98 20.42 8.31
CA TRP B 181 -5.39 20.75 8.16
C TRP B 181 -5.58 22.27 8.20
N ILE B 182 -5.88 22.87 7.03
CA ILE B 182 -6.03 24.32 6.85
C ILE B 182 -7.50 24.73 7.04
N LEU B 183 -7.73 25.79 7.84
CA LEU B 183 -9.03 26.39 8.13
C LEU B 183 -8.86 27.79 8.72
N VAL B 184 -9.84 28.69 8.47
CA VAL B 184 -9.85 30.06 8.98
C VAL B 184 -10.16 29.99 10.50
N PRO B 185 -9.29 30.54 11.38
CA PRO B 185 -9.54 30.43 12.83
C PRO B 185 -10.72 31.28 13.31
N SER B 186 -11.54 30.70 14.19
CA SER B 186 -12.73 31.32 14.78
C SER B 186 -12.94 30.84 16.22
N SER B 187 -13.76 31.57 17.00
CA SER B 187 -14.08 31.26 18.39
C SER B 187 -14.93 29.98 18.51
N GLN B 188 -15.80 29.72 17.51
CA GLN B 188 -16.67 28.54 17.48
C GLN B 188 -15.96 27.34 16.80
N VAL B 189 -14.63 27.20 17.06
CA VAL B 189 -13.77 26.14 16.53
C VAL B 189 -12.82 25.63 17.62
N ASP B 190 -12.49 26.48 18.61
CA ASP B 190 -11.61 26.14 19.74
C ASP B 190 -12.28 25.12 20.65
N GLY B 191 -11.60 24.01 20.91
CA GLY B 191 -12.08 22.92 21.74
C GLY B 191 -12.62 21.74 20.94
N LYS B 192 -13.05 21.99 19.69
CA LYS B 192 -13.58 20.97 18.78
C LYS B 192 -12.48 20.00 18.33
N ASN B 193 -12.83 18.71 18.16
CA ASN B 193 -11.89 17.67 17.76
C ASN B 193 -11.91 17.42 16.25
N VAL B 194 -10.73 17.10 15.68
CA VAL B 194 -10.51 16.77 14.27
C VAL B 194 -9.71 15.45 14.25
N THR B 195 -10.26 14.41 13.61
CA THR B 195 -9.61 13.08 13.56
C THR B 195 -8.88 12.88 12.22
N CYS B 196 -7.65 12.38 12.31
CA CYS B 196 -6.75 12.06 11.20
C CYS B 196 -6.76 10.55 10.97
N LYS B 197 -7.08 10.11 9.74
CA LYS B 197 -7.13 8.69 9.37
C LYS B 197 -5.96 8.33 8.47
N VAL B 198 -5.03 7.51 8.99
CA VAL B 198 -3.84 7.07 8.26
C VAL B 198 -4.07 5.63 7.78
N GLU B 199 -3.91 5.41 6.45
CA GLU B 199 -4.12 4.11 5.82
C GLU B 199 -2.83 3.60 5.16
N HIS B 200 -2.48 2.34 5.46
CA HIS B 200 -1.30 1.64 4.94
C HIS B 200 -1.53 0.13 4.94
N GLU B 201 -0.93 -0.59 3.97
CA GLU B 201 -1.04 -2.04 3.80
C GLU B 201 -0.50 -2.85 5.00
N SER B 202 0.51 -2.30 5.71
CA SER B 202 1.13 -2.93 6.88
C SER B 202 0.18 -2.96 8.09
N PHE B 203 -0.79 -2.03 8.15
CA PHE B 203 -1.77 -1.95 9.23
C PHE B 203 -3.00 -2.80 8.94
N GLU B 204 -3.45 -3.58 9.94
CA GLU B 204 -4.64 -4.44 9.84
C GLU B 204 -5.90 -3.56 9.82
N LYS B 205 -5.91 -2.50 10.66
CA LYS B 205 -6.97 -1.51 10.78
C LYS B 205 -6.37 -0.09 10.65
N PRO B 206 -7.04 0.86 9.96
CA PRO B 206 -6.46 2.21 9.82
C PRO B 206 -6.34 2.93 11.15
N GLN B 207 -5.15 3.53 11.40
CA GLN B 207 -4.85 4.24 12.64
C GLN B 207 -5.55 5.60 12.67
N LEU B 208 -6.40 5.81 13.70
CA LEU B 208 -7.15 7.05 13.88
C LEU B 208 -6.53 7.86 15.03
N LEU B 209 -6.09 9.09 14.73
CA LEU B 209 -5.47 9.99 15.69
C LEU B 209 -6.30 11.27 15.82
N THR B 210 -6.66 11.64 17.05
CA THR B 210 -7.50 12.82 17.31
C THR B 210 -6.68 13.96 17.92
N VAL B 211 -6.94 15.20 17.48
CA VAL B 211 -6.30 16.43 17.97
C VAL B 211 -7.38 17.46 18.31
N ASN B 212 -7.25 18.10 19.49
CA ASN B 212 -8.20 19.11 19.96
C ASN B 212 -7.65 20.50 19.65
N LEU B 213 -8.35 21.24 18.77
CA LEU B 213 -7.99 22.59 18.29
C LEU B 213 -7.95 23.59 19.44
N THR B 214 -6.87 24.39 19.50
CA THR B 214 -6.67 25.42 20.52
C THR B 214 -6.40 26.76 19.81
N VAL B 215 -7.43 27.61 19.75
CA VAL B 215 -7.40 28.93 19.11
C VAL B 215 -7.37 30.01 20.21
N TYR B 216 -6.41 30.95 20.13
CA TYR B 216 -6.27 32.05 21.07
C TYR B 216 -7.04 33.26 20.55
N TYR B 217 -8.15 33.60 21.22
CA TYR B 217 -9.02 34.70 20.81
C TYR B 217 -9.28 35.69 21.96
N PRO B 218 -9.38 37.03 21.67
CA PRO B 218 -9.66 38.01 22.73
C PRO B 218 -11.05 37.80 23.36
N PRO B 219 -11.32 38.31 24.60
CA PRO B 219 -12.63 38.06 25.23
C PRO B 219 -13.86 38.39 24.39
N GLU B 220 -14.79 37.42 24.30
CA GLU B 220 -16.07 37.56 23.60
C GLU B 220 -17.12 37.90 24.65
N VAL B 221 -16.94 39.07 25.27
CA VAL B 221 -17.72 39.63 26.37
C VAL B 221 -19.18 39.93 25.92
N SER B 222 -20.13 39.58 26.80
CA SER B 222 -21.58 39.76 26.65
C SER B 222 -22.21 40.06 28.01
N ILE B 223 -23.32 40.81 28.01
CA ILE B 223 -24.03 41.18 29.24
C ILE B 223 -25.53 40.84 29.11
N SER B 224 -26.03 40.01 30.05
CA SER B 224 -27.42 39.56 30.08
C SER B 224 -28.04 39.74 31.48
N GLY B 225 -29.35 39.96 31.50
CA GLY B 225 -30.12 40.16 32.72
C GLY B 225 -31.21 41.20 32.58
N TYR B 226 -30.86 42.36 32.00
CA TYR B 226 -31.76 43.49 31.77
C TYR B 226 -32.79 43.15 30.67
N ASP B 227 -34.07 43.47 30.92
CA ASP B 227 -35.18 43.20 30.00
C ASP B 227 -36.17 44.39 29.93
N ASN B 228 -35.66 45.63 30.15
CA ASN B 228 -36.38 46.92 30.11
C ASN B 228 -37.47 47.09 31.20
N ASN B 229 -38.08 45.98 31.66
CA ASN B 229 -39.14 45.98 32.68
C ASN B 229 -38.54 46.17 34.09
N TRP B 230 -38.05 47.39 34.38
CA TRP B 230 -37.44 47.76 35.66
C TRP B 230 -38.20 48.96 36.27
N TYR B 231 -39.06 48.68 37.25
CA TYR B 231 -39.90 49.64 37.96
C TYR B 231 -39.11 50.24 39.16
N LEU B 232 -39.51 51.44 39.63
CA LEU B 232 -38.87 52.13 40.77
C LEU B 232 -39.15 51.39 42.08
N GLY B 233 -38.09 51.10 42.83
CA GLY B 233 -38.17 50.36 44.09
C GLY B 233 -38.37 48.89 43.87
N GLN B 234 -37.66 48.33 42.87
CA GLN B 234 -37.69 46.92 42.47
C GLN B 234 -36.85 46.05 43.41
N ASN B 235 -36.93 44.70 43.24
CA ASN B 235 -36.15 43.74 44.02
C ASN B 235 -34.67 43.83 43.61
N GLU B 236 -33.75 43.48 44.52
CA GLU B 236 -32.30 43.54 44.27
C GLU B 236 -31.90 42.59 43.14
N ALA B 237 -31.88 43.13 41.91
CA ALA B 237 -31.55 42.43 40.67
C ALA B 237 -30.04 42.23 40.54
N THR B 238 -29.62 41.26 39.70
CA THR B 238 -28.21 40.96 39.47
C THR B 238 -27.94 40.78 37.95
N LEU B 239 -26.86 41.42 37.48
CA LEU B 239 -26.42 41.37 36.08
C LEU B 239 -25.15 40.55 35.96
N THR B 240 -25.15 39.55 35.07
CA THR B 240 -24.00 38.68 34.87
C THR B 240 -23.27 39.01 33.57
N CYS B 241 -21.93 39.05 33.63
CA CYS B 241 -21.05 39.34 32.51
C CYS B 241 -20.58 38.02 31.88
N ASP B 242 -21.31 37.54 30.87
CA ASP B 242 -21.03 36.29 30.17
C ASP B 242 -19.81 36.48 29.26
N ALA B 243 -18.67 35.88 29.66
CA ALA B 243 -17.41 36.00 28.91
C ALA B 243 -16.80 34.64 28.59
N ARG B 244 -16.31 34.49 27.34
CA ARG B 244 -15.65 33.29 26.83
C ARG B 244 -14.37 33.70 26.13
N SER B 245 -13.21 33.23 26.64
CA SER B 245 -11.90 33.55 26.09
C SER B 245 -10.87 32.44 26.34
N ASN B 246 -9.88 32.31 25.43
CA ASN B 246 -8.79 31.35 25.52
C ASN B 246 -7.44 32.10 25.43
N PRO B 247 -6.66 32.23 26.53
CA PRO B 247 -6.85 31.70 27.90
C PRO B 247 -8.02 32.35 28.64
N GLU B 248 -8.43 31.75 29.78
CA GLU B 248 -9.54 32.18 30.64
C GLU B 248 -9.32 33.61 31.19
N PRO B 249 -10.40 34.40 31.47
CA PRO B 249 -10.22 35.77 31.97
C PRO B 249 -9.45 35.86 33.28
N THR B 250 -8.58 36.88 33.40
CA THR B 250 -7.74 37.13 34.56
C THR B 250 -8.30 38.29 35.44
N GLY B 251 -9.42 38.87 35.02
CA GLY B 251 -10.07 39.96 35.74
C GLY B 251 -11.39 40.43 35.13
N TYR B 252 -12.25 41.02 35.99
CA TYR B 252 -13.55 41.58 35.62
C TYR B 252 -13.71 42.98 36.22
N ASN B 253 -13.69 44.02 35.36
CA ASN B 253 -13.81 45.42 35.77
C ASN B 253 -15.17 46.00 35.35
N TRP B 254 -15.86 46.66 36.31
CA TRP B 254 -17.16 47.29 36.10
C TRP B 254 -17.08 48.80 36.20
N SER B 255 -17.65 49.51 35.21
CA SER B 255 -17.67 50.97 35.10
C SER B 255 -18.82 51.45 34.19
N THR B 256 -18.87 52.76 33.89
CA THR B 256 -19.88 53.38 33.02
C THR B 256 -19.20 54.39 32.07
N THR B 257 -19.96 54.93 31.10
CA THR B 257 -19.46 55.94 30.13
C THR B 257 -19.19 57.28 30.82
N MET B 258 -19.88 57.53 31.96
CA MET B 258 -19.78 58.77 32.74
C MET B 258 -18.81 58.65 33.94
N GLY B 259 -17.99 57.60 33.98
CA GLY B 259 -17.00 57.39 35.03
C GLY B 259 -17.18 56.14 35.87
N PRO B 260 -17.17 56.27 37.22
CA PRO B 260 -17.31 55.06 38.07
C PRO B 260 -18.77 54.66 38.28
N LEU B 261 -18.97 53.49 38.91
CA LEU B 261 -20.28 52.91 39.21
C LEU B 261 -21.08 53.77 40.20
N PRO B 262 -22.40 53.96 40.00
CA PRO B 262 -23.19 54.74 40.98
C PRO B 262 -23.44 53.94 42.26
N PRO B 263 -23.90 54.56 43.39
CA PRO B 263 -24.09 53.79 44.65
C PRO B 263 -25.04 52.58 44.57
N PHE B 264 -26.00 52.56 43.61
CA PHE B 264 -26.93 51.43 43.49
C PHE B 264 -26.27 50.21 42.84
N ALA B 265 -25.32 50.42 41.92
CA ALA B 265 -24.60 49.33 41.24
C ALA B 265 -23.31 49.01 41.99
N VAL B 266 -23.23 47.80 42.56
CA VAL B 266 -22.05 47.34 43.32
C VAL B 266 -21.43 46.13 42.58
N ALA B 267 -20.12 46.23 42.29
CA ALA B 267 -19.36 45.20 41.58
C ALA B 267 -19.11 43.97 42.46
N GLN B 268 -19.50 42.79 41.96
CA GLN B 268 -19.34 41.50 42.64
C GLN B 268 -18.51 40.56 41.74
N GLY B 269 -17.35 41.04 41.30
CA GLY B 269 -16.45 40.32 40.42
C GLY B 269 -16.97 40.29 39.01
N ALA B 270 -17.38 39.09 38.54
CA ALA B 270 -17.95 38.87 37.20
C ALA B 270 -19.46 39.20 37.18
N GLN B 271 -20.03 39.49 38.35
CA GLN B 271 -21.45 39.84 38.53
C GLN B 271 -21.59 41.29 39.01
N LEU B 272 -22.80 41.86 38.89
CA LEU B 272 -23.09 43.23 39.31
C LEU B 272 -24.49 43.31 39.92
N LEU B 273 -24.55 43.61 41.23
CA LEU B 273 -25.81 43.73 41.96
C LEU B 273 -26.39 45.14 41.82
N ILE B 274 -27.70 45.22 41.54
CA ILE B 274 -28.44 46.47 41.37
C ILE B 274 -29.35 46.67 42.58
N ARG B 275 -29.04 47.67 43.41
CA ARG B 275 -29.80 48.02 44.60
C ARG B 275 -31.05 48.85 44.20
N PRO B 276 -32.16 48.82 45.00
CA PRO B 276 -33.37 49.56 44.61
C PRO B 276 -33.19 51.08 44.59
N VAL B 277 -33.77 51.74 43.58
CA VAL B 277 -33.73 53.19 43.39
C VAL B 277 -35.13 53.78 43.50
N ASP B 278 -35.23 54.99 44.07
CA ASP B 278 -36.49 55.70 44.27
C ASP B 278 -36.63 56.89 43.32
N LYS B 279 -35.55 57.23 42.60
CA LYS B 279 -35.49 58.31 41.62
C LYS B 279 -35.12 57.75 40.24
N PRO B 280 -35.72 58.25 39.13
CA PRO B 280 -35.39 57.70 37.79
C PRO B 280 -33.91 57.88 37.42
N ILE B 281 -33.34 56.86 36.75
CA ILE B 281 -31.93 56.85 36.35
C ILE B 281 -31.75 56.31 34.92
N ASN B 282 -30.72 56.81 34.23
CA ASN B 282 -30.35 56.44 32.85
C ASN B 282 -28.81 56.34 32.78
N THR B 283 -28.27 55.12 32.98
CA THR B 283 -26.82 54.86 32.95
C THR B 283 -26.47 53.69 32.04
N THR B 284 -25.39 53.84 31.24
CA THR B 284 -24.89 52.81 30.32
C THR B 284 -23.68 52.12 30.95
N LEU B 285 -23.89 50.90 31.47
CA LEU B 285 -22.85 50.11 32.14
C LEU B 285 -21.92 49.43 31.13
N ILE B 286 -20.61 49.41 31.45
CA ILE B 286 -19.56 48.78 30.64
C ILE B 286 -18.85 47.70 31.44
N CYS B 287 -18.73 46.49 30.85
CA CYS B 287 -18.03 45.36 31.47
C CYS B 287 -16.70 45.14 30.74
N ASN B 288 -15.58 45.32 31.46
CA ASN B 288 -14.22 45.18 30.93
C ASN B 288 -13.60 43.86 31.39
N VAL B 289 -13.37 42.95 30.43
CA VAL B 289 -12.79 41.63 30.68
C VAL B 289 -11.34 41.62 30.17
N THR B 290 -10.38 41.39 31.09
CA THR B 290 -8.95 41.38 30.80
C THR B 290 -8.45 39.94 30.58
N ASN B 291 -7.55 39.76 29.61
CA ASN B 291 -6.94 38.48 29.22
C ASN B 291 -5.47 38.69 28.83
N ALA B 292 -4.73 37.58 28.54
CA ALA B 292 -3.33 37.59 28.12
C ALA B 292 -3.17 38.28 26.77
N LEU B 293 -4.13 38.09 25.84
CA LEU B 293 -4.13 38.70 24.51
C LEU B 293 -4.45 40.20 24.57
N GLY B 294 -5.41 40.55 25.43
CA GLY B 294 -5.84 41.94 25.64
C GLY B 294 -7.15 42.07 26.40
N ALA B 295 -7.81 43.23 26.26
CA ALA B 295 -9.08 43.54 26.92
C ALA B 295 -10.14 44.00 25.93
N ARG B 296 -11.39 43.53 26.13
CA ARG B 296 -12.54 43.88 25.27
C ARG B 296 -13.70 44.43 26.11
N GLN B 297 -14.51 45.33 25.52
CA GLN B 297 -15.62 46.00 26.18
C GLN B 297 -17.01 45.56 25.67
N ALA B 298 -18.05 45.76 26.50
CA ALA B 298 -19.46 45.48 26.21
C ALA B 298 -20.36 46.48 26.93
N GLU B 299 -21.21 47.20 26.18
CA GLU B 299 -22.10 48.23 26.72
C GLU B 299 -23.56 47.78 26.77
N LEU B 300 -24.32 48.32 27.74
CA LEU B 300 -25.74 48.05 27.95
C LEU B 300 -26.41 49.24 28.64
N THR B 301 -27.48 49.77 28.02
CA THR B 301 -28.24 50.91 28.55
C THR B 301 -29.24 50.40 29.59
N VAL B 302 -29.26 51.06 30.76
CA VAL B 302 -30.16 50.72 31.87
C VAL B 302 -31.07 51.93 32.14
N GLN B 303 -32.39 51.73 32.02
CA GLN B 303 -33.41 52.74 32.24
C GLN B 303 -34.41 52.28 33.30
N VAL B 304 -34.61 53.10 34.34
CA VAL B 304 -35.55 52.82 35.43
C VAL B 304 -36.57 53.96 35.50
N LYS B 305 -37.87 53.62 35.40
CA LYS B 305 -38.98 54.57 35.46
C LYS B 305 -40.18 53.97 36.16
C1 NAG C . 0.95 24.09 1.50
C2 NAG C . 0.63 25.39 0.77
C3 NAG C . 1.92 26.12 0.37
C4 NAG C . 2.86 26.28 1.56
C5 NAG C . 3.13 24.92 2.20
C6 NAG C . 3.98 24.99 3.44
C7 NAG C . -1.11 25.89 -0.92
C8 NAG C . -1.81 25.39 -2.16
N2 NAG C . -0.17 25.08 -0.41
O3 NAG C . 1.59 27.40 -0.17
O4 NAG C . 4.08 26.86 1.13
O5 NAG C . 1.89 24.30 2.57
O6 NAG C . 4.52 23.72 3.78
O7 NAG C . -1.39 26.98 -0.42
C1 FUC C . 4.96 23.60 5.10
C2 FUC C . 5.07 22.11 5.45
C3 FUC C . 6.31 21.83 6.30
C4 FUC C . 6.56 22.93 7.32
C5 FUC C . 6.78 24.28 6.63
C6 FUC C . 6.25 25.50 7.35
O2 FUC C . 5.09 21.30 4.28
O3 FUC C . 6.20 20.57 6.93
O4 FUC C . 5.51 22.98 8.29
O5 FUC C . 6.23 24.25 5.30
C1 NAG D . 3.84 -10.08 -12.74
C2 NAG D . 3.04 -8.82 -13.03
C3 NAG D . 1.64 -9.20 -13.52
C4 NAG D . 1.71 -10.15 -14.72
C5 NAG D . 2.56 -11.37 -14.36
C6 NAG D . 2.81 -12.30 -15.52
C7 NAG D . 3.06 -6.62 -11.89
C8 NAG D . 2.65 -5.89 -10.65
N2 NAG D . 2.95 -7.96 -11.86
O3 NAG D . 0.90 -8.03 -13.88
O4 NAG D . 0.40 -10.57 -15.08
O5 NAG D . 3.86 -10.94 -13.89
O6 NAG D . 3.68 -11.73 -16.50
O7 NAG D . 3.47 -6.03 -12.89
C1 FUC D . 3.72 -12.44 -17.71
C2 FUC D . 3.41 -11.48 -18.87
C3 FUC D . 4.62 -10.61 -19.22
C4 FUC D . 5.88 -11.47 -19.42
C5 FUC D . 6.12 -12.30 -18.17
C6 FUC D . 7.31 -13.22 -18.24
O2 FUC D . 2.29 -10.65 -18.55
O3 FUC D . 4.35 -9.85 -20.40
O4 FUC D . 5.75 -12.29 -20.58
O5 FUC D . 4.96 -13.13 -17.92
C1 NAG E . -9.59 15.81 23.32
C2 NAG E . -8.83 15.15 24.46
C3 NAG E . -9.81 14.89 25.62
C4 NAG E . -10.53 16.18 25.98
C5 NAG E . -11.43 16.64 24.82
C6 NAG E . -11.51 18.14 24.66
C7 NAG E . -6.96 13.85 23.52
C8 NAG E . -6.49 12.48 23.14
N2 NAG E . -8.20 13.92 24.03
O3 NAG E . -9.09 14.39 26.74
O4 NAG E . -11.35 15.97 27.13
O5 NAG E . -10.99 16.08 23.56
O6 NAG E . -11.81 18.81 25.89
O7 NAG E . -6.26 14.84 23.39
C1 FUC E . -11.17 20.04 26.03
C2 FUC E . -11.93 20.87 27.09
C3 FUC E . -10.95 21.68 27.95
C4 FUC E . -9.78 22.22 27.13
C5 FUC E . -8.97 21.07 26.53
C6 FUC E . -8.34 21.35 25.17
O2 FUC E . -12.73 20.03 27.92
O3 FUC E . -11.65 22.75 28.59
O4 FUC E . -10.22 23.17 26.16
O5 FUC E . -9.79 19.88 26.41
C1 NAG F . 13.84 -32.93 -42.43
C2 NAG F . 13.68 -34.44 -42.17
C3 NAG F . 13.83 -35.15 -43.52
C4 NAG F . 12.86 -34.59 -44.56
C5 NAG F . 13.05 -33.08 -44.71
C6 NAG F . 12.02 -32.43 -45.61
C7 NAG F . 14.65 -35.92 -40.44
C8 NAG F . 15.82 -36.15 -39.52
N2 NAG F . 14.74 -34.85 -41.25
O3 NAG F . 13.60 -36.54 -43.36
O4 NAG F . 13.08 -35.22 -45.81
O5 NAG F . 12.92 -32.45 -43.43
O6 NAG F . 12.18 -31.02 -45.64
O7 NAG F . 13.67 -36.68 -40.45
C1 NAG G . 5.26 -26.05 2.01
C2 NAG G . 4.36 -26.74 3.03
C3 NAG G . 3.96 -25.94 4.28
C4 NAG G . 5.02 -24.94 4.70
C5 NAG G . 5.56 -24.18 3.50
C6 NAG G . 6.60 -23.12 3.83
C7 NAG G . 2.92 -28.44 1.94
C8 NAG G . 1.55 -28.70 1.39
N2 NAG G . 3.17 -27.17 2.30
O3 NAG G . 3.70 -26.85 5.33
O4 NAG G . 4.46 -24.01 5.63
O5 NAG G . 6.18 -25.11 2.59
O6 NAG G . 7.79 -23.70 4.35
O7 NAG G . 3.75 -29.33 2.07
C1 NAG H . -9.84 47.60 30.74
C2 NAG H . -9.64 49.09 30.50
C3 NAG H . -8.21 49.31 30.01
C4 NAG H . -7.20 48.77 31.03
C5 NAG H . -7.50 47.30 31.35
C6 NAG H . -6.68 46.75 32.49
C7 NAG H . -11.58 50.48 29.88
C8 NAG H . -12.35 51.07 28.74
N2 NAG H . -10.60 49.64 29.55
O3 NAG H . -7.97 50.70 29.80
O4 NAG H . -5.88 48.90 30.52
O5 NAG H . -8.88 47.14 31.71
O6 NAG H . -7.03 47.34 33.74
O7 NAG H . -11.84 50.76 31.05
#